data_1IUE
#
_entry.id   1IUE
#
_cell.length_a   49.000
_cell.length_b   50.573
_cell.length_c   52.480
_cell.angle_alpha   90.00
_cell.angle_beta   115.53
_cell.angle_gamma   90.00
#
_symmetry.space_group_name_H-M   'P 1 21 1'
#
loop_
_entity.id
_entity.type
_entity.pdbx_description
1 polymer FERREDOXIN
2 non-polymer 'SODIUM ION'
3 non-polymer 'FE2/S2 (INORGANIC) CLUSTER'
4 water water
#
_entity_poly.entity_id   1
_entity_poly.type   'polypeptide(L)'
_entity_poly.pdbx_seq_one_letter_code
;AFYNITLRTNDGEKKIECNEDEYILDASERQNVELPYSCRGGSCSTCAAKLVEGEVDNDDQSYLDEEQIKKKYILLCTCY
PKSDCVIETHKEDELHDM
;
_entity_poly.pdbx_strand_id   A,B
#
# COMPACT_ATOMS: atom_id res chain seq x y z
N ALA A 1 -25.96 7.85 -13.28
CA ALA A 1 -26.66 8.44 -12.10
C ALA A 1 -25.70 8.58 -10.92
N PHE A 2 -26.14 9.30 -9.90
CA PHE A 2 -25.36 9.50 -8.69
C PHE A 2 -25.95 8.63 -7.59
N TYR A 3 -25.09 8.17 -6.68
CA TYR A 3 -25.55 7.37 -5.56
C TYR A 3 -25.00 7.96 -4.27
N ASN A 4 -25.73 7.77 -3.19
CA ASN A 4 -25.29 8.29 -1.90
C ASN A 4 -24.50 7.22 -1.18
N ILE A 5 -23.28 7.57 -0.80
CA ILE A 5 -22.38 6.65 -0.12
C ILE A 5 -22.27 7.01 1.36
N THR A 6 -22.55 6.05 2.22
CA THR A 6 -22.43 6.26 3.65
C THR A 6 -21.08 5.68 4.03
N LEU A 7 -20.15 6.56 4.37
CA LEU A 7 -18.80 6.14 4.74
C LEU A 7 -18.64 6.07 6.25
N ARG A 8 -18.40 4.88 6.76
CA ARG A 8 -18.19 4.70 8.18
C ARG A 8 -16.68 4.59 8.37
N THR A 9 -16.10 5.74 8.67
CA THR A 9 -14.65 5.89 8.84
C THR A 9 -14.15 5.75 10.27
N ASN A 10 -12.87 6.04 10.45
CA ASN A 10 -12.23 5.97 11.75
C ASN A 10 -12.50 7.28 12.49
N ASP A 11 -13.16 8.21 11.79
CA ASP A 11 -13.48 9.51 12.35
C ASP A 11 -14.97 9.82 12.19
N GLY A 12 -15.81 8.83 12.45
CA GLY A 12 -17.25 9.02 12.36
C GLY A 12 -17.86 8.64 11.02
N GLU A 13 -19.18 8.77 10.93
CA GLU A 13 -19.91 8.44 9.70
C GLU A 13 -20.05 9.70 8.86
N LYS A 14 -19.71 9.58 7.58
CA LYS A 14 -19.80 10.70 6.66
C LYS A 14 -20.66 10.35 5.47
N LYS A 15 -21.41 11.34 4.98
CA LYS A 15 -22.30 11.16 3.84
C LYS A 15 -21.71 11.89 2.64
N ILE A 16 -21.50 11.18 1.55
CA ILE A 16 -20.99 11.79 0.33
C ILE A 16 -21.67 11.12 -0.86
N GLU A 17 -21.74 11.81 -1.99
CA GLU A 17 -22.34 11.18 -3.16
C GLU A 17 -21.22 10.85 -4.12
N CYS A 18 -21.51 10.01 -5.10
CA CYS A 18 -20.50 9.62 -6.07
C CYS A 18 -21.19 9.21 -7.36
N ASN A 19 -20.70 9.70 -8.48
CA ASN A 19 -21.28 9.34 -9.77
C ASN A 19 -20.92 7.90 -10.02
N GLU A 20 -21.84 7.14 -10.60
CA GLU A 20 -21.56 5.74 -10.86
C GLU A 20 -20.42 5.60 -11.87
N ASP A 21 -20.09 6.69 -12.55
CA ASP A 21 -19.03 6.69 -13.55
C ASP A 21 -17.70 7.22 -13.02
N GLU A 22 -17.57 7.35 -11.71
CA GLU A 22 -16.33 7.81 -11.10
C GLU A 22 -16.01 6.96 -9.88
N TYR A 23 -14.75 6.98 -9.46
CA TYR A 23 -14.31 6.21 -8.30
C TYR A 23 -14.68 6.89 -6.99
N ILE A 24 -15.06 6.08 -6.02
CA ILE A 24 -15.44 6.57 -4.70
C ILE A 24 -14.35 7.41 -4.02
N LEU A 25 -13.10 7.02 -4.19
CA LEU A 25 -12.01 7.77 -3.57
C LEU A 25 -11.98 9.22 -4.02
N ASP A 26 -12.07 9.44 -5.33
CA ASP A 26 -12.04 10.81 -5.85
C ASP A 26 -13.26 11.62 -5.41
N ALA A 27 -14.43 11.00 -5.45
CA ALA A 27 -15.65 11.68 -5.05
C ALA A 27 -15.55 12.08 -3.58
N SER A 28 -15.11 11.15 -2.75
CA SER A 28 -14.97 11.40 -1.32
C SER A 28 -14.02 12.56 -1.05
N GLU A 29 -12.88 12.55 -1.72
CA GLU A 29 -11.89 13.60 -1.54
C GLU A 29 -12.38 15.02 -1.85
N ARG A 30 -13.11 15.19 -2.95
CA ARG A 30 -13.58 16.54 -3.28
C ARG A 30 -14.65 17.01 -2.30
N GLN A 31 -15.29 16.06 -1.61
CA GLN A 31 -16.32 16.40 -0.64
C GLN A 31 -15.70 16.44 0.76
N ASN A 32 -14.38 16.60 0.77
CA ASN A 32 -13.60 16.72 1.99
C ASN A 32 -13.60 15.58 2.99
N VAL A 33 -13.71 14.35 2.49
CA VAL A 33 -13.66 13.18 3.35
C VAL A 33 -12.39 12.44 2.95
N GLU A 34 -11.34 12.66 3.74
CA GLU A 34 -10.04 12.05 3.48
C GLU A 34 -10.05 10.54 3.72
N LEU A 35 -9.55 9.79 2.74
CA LEU A 35 -9.50 8.33 2.83
C LEU A 35 -8.07 7.85 2.55
N PRO A 36 -7.70 6.68 3.09
CA PRO A 36 -6.34 6.17 2.88
C PRO A 36 -6.10 5.72 1.43
N TYR A 37 -4.85 5.85 0.99
CA TYR A 37 -4.45 5.47 -0.35
C TYR A 37 -2.95 5.62 -0.53
N SER A 38 -2.42 5.06 -1.61
CA SER A 38 -1.02 5.20 -1.93
C SER A 38 -0.85 5.12 -3.45
N CYS A 39 -0.97 3.94 -4.04
CA CYS A 39 -0.79 3.80 -5.48
C CYS A 39 -1.91 4.44 -6.30
N ARG A 40 -3.14 4.42 -5.78
CA ARG A 40 -4.31 4.98 -6.46
C ARG A 40 -4.58 4.32 -7.80
N GLY A 41 -4.01 3.13 -8.00
CA GLY A 41 -4.20 2.44 -9.26
C GLY A 41 -4.88 1.08 -9.17
N GLY A 42 -5.24 0.67 -7.96
CA GLY A 42 -5.90 -0.61 -7.77
C GLY A 42 -5.00 -1.82 -7.55
N SER A 43 -3.69 -1.60 -7.49
CA SER A 43 -2.77 -2.73 -7.30
C SER A 43 -2.19 -2.90 -5.90
N CYS A 44 -2.61 -2.08 -4.94
CA CYS A 44 -2.09 -2.22 -3.58
C CYS A 44 -3.22 -2.37 -2.56
N SER A 45 -2.86 -2.34 -1.27
CA SER A 45 -3.85 -2.54 -0.21
C SER A 45 -4.21 -1.32 0.62
N THR A 46 -3.50 -0.22 0.41
CA THR A 46 -3.72 1.00 1.21
C THR A 46 -5.14 1.56 1.32
N CYS A 47 -5.89 1.58 0.22
CA CYS A 47 -7.24 2.14 0.23
C CYS A 47 -8.35 1.14 0.54
N ALA A 48 -7.97 -0.05 0.99
CA ALA A 48 -8.94 -1.10 1.31
C ALA A 48 -10.12 -0.64 2.16
N ALA A 49 -11.31 -1.09 1.77
CA ALA A 49 -12.54 -0.78 2.50
C ALA A 49 -13.40 -2.04 2.45
N LYS A 50 -14.55 -2.00 3.13
CA LYS A 50 -15.45 -3.15 3.14
C LYS A 50 -16.88 -2.74 2.84
N LEU A 51 -17.49 -3.44 1.89
CA LEU A 51 -18.86 -3.15 1.49
C LEU A 51 -19.88 -3.77 2.43
N VAL A 52 -20.60 -2.94 3.16
CA VAL A 52 -21.60 -3.41 4.12
C VAL A 52 -22.94 -3.65 3.42
N GLU A 53 -23.31 -2.72 2.56
CA GLU A 53 -24.57 -2.83 1.84
C GLU A 53 -24.48 -2.06 0.53
N GLY A 54 -25.13 -2.59 -0.50
CA GLY A 54 -25.11 -1.93 -1.79
C GLY A 54 -24.37 -2.71 -2.85
N GLU A 55 -24.35 -2.15 -4.07
CA GLU A 55 -23.68 -2.78 -5.20
C GLU A 55 -22.55 -1.88 -5.71
N VAL A 56 -21.47 -2.49 -6.17
CA VAL A 56 -20.33 -1.75 -6.69
C VAL A 56 -19.72 -2.47 -7.88
N ASP A 57 -18.84 -1.76 -8.59
CA ASP A 57 -18.10 -2.32 -9.72
C ASP A 57 -16.66 -1.98 -9.41
N ASN A 58 -15.93 -2.96 -8.88
CA ASN A 58 -14.53 -2.77 -8.50
C ASN A 58 -13.64 -3.63 -9.40
N ASP A 59 -14.13 -3.97 -10.58
CA ASP A 59 -13.36 -4.80 -11.50
C ASP A 59 -12.04 -4.18 -11.97
N ASP A 60 -11.90 -2.87 -11.80
CA ASP A 60 -10.67 -2.20 -12.20
C ASP A 60 -9.54 -2.46 -11.21
N GLN A 61 -9.86 -3.03 -10.06
CA GLN A 61 -8.86 -3.34 -9.05
C GLN A 61 -8.12 -4.60 -9.49
N SER A 62 -6.96 -4.87 -8.88
CA SER A 62 -6.19 -6.05 -9.25
C SER A 62 -5.45 -6.71 -8.08
N TYR A 63 -5.40 -6.04 -6.94
CA TYR A 63 -4.70 -6.58 -5.78
C TYR A 63 -5.46 -7.66 -5.01
N LEU A 64 -6.75 -7.40 -4.72
CA LEU A 64 -7.56 -8.37 -3.98
C LEU A 64 -7.79 -9.66 -4.74
N ASP A 65 -7.73 -10.78 -4.04
CA ASP A 65 -7.99 -12.08 -4.67
C ASP A 65 -9.46 -12.39 -4.48
N GLU A 66 -9.94 -13.45 -5.13
CA GLU A 66 -11.35 -13.82 -5.05
C GLU A 66 -11.85 -14.04 -3.62
N GLU A 67 -11.01 -14.61 -2.76
CA GLU A 67 -11.40 -14.85 -1.38
C GLU A 67 -11.69 -13.54 -0.65
N GLN A 68 -10.84 -12.55 -0.88
CA GLN A 68 -11.00 -11.25 -0.24
C GLN A 68 -12.20 -10.51 -0.82
N ILE A 69 -12.41 -10.65 -2.12
CA ILE A 69 -13.55 -10.00 -2.78
C ILE A 69 -14.85 -10.60 -2.25
N LYS A 70 -14.87 -11.92 -2.10
CA LYS A 70 -16.05 -12.60 -1.59
C LYS A 70 -16.37 -12.10 -0.19
N LYS A 71 -15.32 -11.72 0.55
CA LYS A 71 -15.48 -11.22 1.91
C LYS A 71 -15.87 -9.74 1.93
N LYS A 72 -16.25 -9.23 0.77
CA LYS A 72 -16.71 -7.85 0.60
C LYS A 72 -15.69 -6.73 0.63
N TYR A 73 -14.40 -7.04 0.46
CA TYR A 73 -13.41 -5.98 0.47
C TYR A 73 -13.36 -5.33 -0.90
N ILE A 74 -13.11 -4.02 -0.91
CA ILE A 74 -13.04 -3.28 -2.15
C ILE A 74 -11.96 -2.22 -2.04
N LEU A 75 -11.38 -1.84 -3.17
CA LEU A 75 -10.34 -0.82 -3.20
C LEU A 75 -11.02 0.41 -3.78
N LEU A 76 -11.24 1.40 -2.92
CA LEU A 76 -11.94 2.63 -3.28
C LEU A 76 -11.34 3.49 -4.41
N CYS A 77 -10.04 3.39 -4.63
CA CYS A 77 -9.39 4.18 -5.67
C CYS A 77 -9.82 3.72 -7.06
N THR A 78 -10.39 2.51 -7.14
CA THR A 78 -10.83 1.96 -8.41
C THR A 78 -12.23 1.34 -8.30
N CYS A 79 -13.05 1.88 -7.40
CA CYS A 79 -14.38 1.35 -7.18
C CYS A 79 -15.53 2.28 -7.59
N TYR A 80 -16.40 1.80 -8.46
CA TYR A 80 -17.56 2.56 -8.91
C TYR A 80 -18.77 2.14 -8.10
N PRO A 81 -19.63 3.09 -7.70
CA PRO A 81 -20.82 2.71 -6.93
C PRO A 81 -21.90 2.37 -7.96
N LYS A 82 -22.71 1.35 -7.67
CA LYS A 82 -23.77 0.98 -8.59
C LYS A 82 -25.14 1.03 -7.91
N SER A 83 -25.15 1.64 -6.73
CA SER A 83 -26.36 1.83 -5.93
C SER A 83 -25.91 2.58 -4.69
N ASP A 84 -26.86 2.95 -3.83
CA ASP A 84 -26.51 3.61 -2.58
C ASP A 84 -25.67 2.56 -1.86
N CYS A 85 -24.63 2.99 -1.17
CA CYS A 85 -23.77 2.04 -0.47
C CYS A 85 -23.43 2.48 0.95
N VAL A 86 -23.16 1.50 1.80
CA VAL A 86 -22.74 1.73 3.17
C VAL A 86 -21.39 1.03 3.18
N ILE A 87 -20.32 1.82 3.32
CA ILE A 87 -18.97 1.28 3.28
C ILE A 87 -18.15 1.60 4.54
N GLU A 88 -17.42 0.62 5.04
CA GLU A 88 -16.55 0.83 6.20
C GLU A 88 -15.16 1.08 5.63
N THR A 89 -14.55 2.21 5.99
CA THR A 89 -13.23 2.55 5.47
C THR A 89 -12.09 2.18 6.41
N HIS A 90 -10.86 2.43 5.96
CA HIS A 90 -9.65 2.13 6.73
C HIS A 90 -9.63 0.67 7.19
N LYS A 91 -9.85 -0.24 6.25
CA LYS A 91 -9.87 -1.67 6.56
C LYS A 91 -8.64 -2.44 6.11
N GLU A 92 -7.57 -1.73 5.77
CA GLU A 92 -6.35 -2.39 5.31
C GLU A 92 -5.83 -3.40 6.34
N ASP A 93 -5.76 -3.00 7.60
CA ASP A 93 -5.27 -3.90 8.64
C ASP A 93 -6.17 -5.11 8.81
N GLU A 94 -7.48 -4.87 8.83
CA GLU A 94 -8.44 -5.97 8.99
C GLU A 94 -8.22 -6.97 7.86
N LEU A 95 -8.04 -6.44 6.65
CA LEU A 95 -7.81 -7.26 5.47
C LEU A 95 -6.52 -8.04 5.70
N HIS A 96 -5.48 -7.33 6.10
CA HIS A 96 -4.17 -7.93 6.36
C HIS A 96 -4.24 -9.03 7.41
N ASP A 97 -5.01 -8.80 8.47
CA ASP A 97 -5.12 -9.77 9.55
C ASP A 97 -6.34 -10.69 9.49
N MET A 98 -6.69 -11.12 8.28
CA MET A 98 -7.84 -12.00 8.12
C MET A 98 -7.50 -13.40 8.64
N ALA B 1 27.84 -8.52 -8.10
CA ALA B 1 28.29 -9.06 -6.78
C ALA B 1 27.14 -9.13 -5.79
N PHE B 2 27.36 -9.86 -4.70
CA PHE B 2 26.35 -9.97 -3.65
C PHE B 2 26.74 -9.05 -2.51
N TYR B 3 25.74 -8.55 -1.80
CA TYR B 3 25.99 -7.67 -0.66
C TYR B 3 25.22 -8.19 0.55
N ASN B 4 25.77 -7.93 1.73
CA ASN B 4 25.11 -8.37 2.95
C ASN B 4 24.21 -7.26 3.47
N ILE B 5 22.94 -7.60 3.63
CA ILE B 5 21.93 -6.65 4.09
C ILE B 5 21.53 -6.91 5.54
N THR B 6 21.67 -5.90 6.38
CA THR B 6 21.27 -6.01 7.78
C THR B 6 19.88 -5.40 7.85
N LEU B 7 18.89 -6.24 8.11
CA LEU B 7 17.51 -5.79 8.20
C LEU B 7 17.06 -5.65 9.65
N ARG B 8 16.73 -4.43 10.04
CA ARG B 8 16.27 -4.18 11.40
C ARG B 8 14.75 -4.08 11.37
N THR B 9 14.12 -5.23 11.62
CA THR B 9 12.67 -5.37 11.60
C THR B 9 12.02 -5.31 12.97
N ASN B 10 10.70 -5.51 13.00
CA ASN B 10 9.96 -5.47 14.27
C ASN B 10 10.15 -6.79 15.02
N ASP B 11 10.88 -7.71 14.43
CA ASP B 11 11.12 -9.00 15.06
C ASP B 11 12.61 -9.26 15.26
N GLY B 12 13.37 -8.18 15.45
CA GLY B 12 14.80 -8.31 15.67
C GLY B 12 15.63 -8.00 14.44
N GLU B 13 16.95 -7.99 14.62
CA GLU B 13 17.87 -7.71 13.53
C GLU B 13 18.14 -9.00 12.78
N LYS B 14 18.00 -8.97 11.46
CA LYS B 14 18.23 -10.14 10.63
C LYS B 14 19.26 -9.85 9.56
N LYS B 15 20.01 -10.87 9.16
CA LYS B 15 21.01 -10.70 8.11
C LYS B 15 20.74 -11.63 6.94
N ILE B 16 20.64 -11.03 5.75
CA ILE B 16 20.41 -11.79 4.52
C ILE B 16 21.27 -11.15 3.44
N GLU B 17 21.59 -11.92 2.41
CA GLU B 17 22.38 -11.36 1.32
C GLU B 17 21.47 -11.08 0.15
N CYS B 18 21.92 -10.22 -0.76
CA CYS B 18 21.14 -9.88 -1.92
C CYS B 18 22.07 -9.52 -3.06
N ASN B 19 21.81 -10.10 -4.23
CA ASN B 19 22.65 -9.79 -5.38
C ASN B 19 22.30 -8.37 -5.81
N GLU B 20 23.30 -7.63 -6.28
CA GLU B 20 23.04 -6.25 -6.69
C GLU B 20 22.08 -6.18 -7.87
N ASP B 21 21.82 -7.31 -8.51
CA ASP B 21 20.93 -7.35 -9.66
C ASP B 21 19.54 -7.92 -9.35
N GLU B 22 19.21 -7.97 -8.06
CA GLU B 22 17.89 -8.44 -7.65
C GLU B 22 17.38 -7.54 -6.53
N TYR B 23 16.06 -7.50 -6.37
CA TYR B 23 15.43 -6.66 -5.36
C TYR B 23 15.55 -7.25 -3.96
N ILE B 24 15.75 -6.39 -2.98
CA ILE B 24 15.91 -6.82 -1.60
C ILE B 24 14.72 -7.62 -1.08
N LEU B 25 13.51 -7.20 -1.44
CA LEU B 25 12.31 -7.91 -0.99
C LEU B 25 12.36 -9.39 -1.37
N ASP B 26 12.67 -9.68 -2.62
CA ASP B 26 12.73 -11.06 -3.10
C ASP B 26 13.83 -11.85 -2.43
N ALA B 27 15.01 -11.27 -2.31
CA ALA B 27 16.13 -11.94 -1.67
C ALA B 27 15.79 -12.26 -0.23
N SER B 28 15.19 -11.29 0.47
CA SER B 28 14.84 -11.46 1.86
C SER B 28 13.84 -12.60 2.04
N GLU B 29 12.84 -12.64 1.17
CA GLU B 29 11.81 -13.67 1.24
C GLU B 29 12.32 -15.10 1.08
N ARG B 30 13.21 -15.33 0.13
CA ARG B 30 13.71 -16.69 -0.05
C ARG B 30 14.62 -17.10 1.11
N GLN B 31 15.10 -16.11 1.86
CA GLN B 31 15.95 -16.39 3.01
C GLN B 31 15.12 -16.34 4.29
N ASN B 32 13.82 -16.51 4.10
CA ASN B 32 12.85 -16.57 5.18
C ASN B 32 12.74 -15.38 6.15
N VAL B 33 12.87 -14.18 5.61
CA VAL B 33 12.72 -12.98 6.40
C VAL B 33 11.58 -12.22 5.72
N GLU B 34 10.37 -12.36 6.25
CA GLU B 34 9.21 -11.71 5.67
C GLU B 34 9.18 -10.21 5.89
N LEU B 35 8.88 -9.49 4.81
CA LEU B 35 8.81 -8.03 4.84
C LEU B 35 7.45 -7.59 4.32
N PRO B 36 6.99 -6.40 4.72
CA PRO B 36 5.68 -5.90 4.26
C PRO B 36 5.70 -5.52 2.78
N TYR B 37 4.56 -5.70 2.13
CA TYR B 37 4.41 -5.38 0.72
C TYR B 37 2.97 -5.55 0.29
N SER B 38 2.65 -5.02 -0.88
CA SER B 38 1.32 -5.19 -1.45
C SER B 38 1.41 -5.21 -2.97
N CYS B 39 1.66 -4.07 -3.60
CA CYS B 39 1.74 -4.02 -5.06
C CYS B 39 2.95 -4.72 -5.65
N ARG B 40 4.09 -4.65 -4.95
CA ARG B 40 5.35 -5.26 -5.39
C ARG B 40 5.85 -4.65 -6.70
N GLY B 41 5.31 -3.49 -7.06
CA GLY B 41 5.72 -2.84 -8.30
C GLY B 41 6.40 -1.50 -8.13
N GLY B 42 6.52 -1.03 -6.89
CA GLY B 42 7.17 0.24 -6.63
C GLY B 42 6.28 1.47 -6.70
N SER B 43 4.97 1.28 -6.76
CA SER B 43 4.06 2.41 -6.85
C SER B 43 3.21 2.68 -5.61
N CYS B 44 3.43 1.93 -4.54
CA CYS B 44 2.67 2.13 -3.31
C CYS B 44 3.62 2.35 -2.13
N SER B 45 3.08 2.36 -0.92
CA SER B 45 3.90 2.61 0.27
C SER B 45 4.05 1.44 1.24
N THR B 46 3.41 0.32 0.94
CA THR B 46 3.45 -0.82 1.83
C THR B 46 4.82 -1.36 2.23
N CYS B 47 5.74 -1.46 1.27
CA CYS B 47 7.06 -2.02 1.56
C CYS B 47 8.10 -0.99 1.99
N ALA B 48 7.65 0.21 2.35
CA ALA B 48 8.56 1.27 2.76
C ALA B 48 9.57 0.87 3.84
N ALA B 49 10.81 1.30 3.64
CA ALA B 49 11.90 1.03 4.58
C ALA B 49 12.80 2.26 4.58
N LYS B 50 13.79 2.29 5.48
CA LYS B 50 14.70 3.42 5.54
C LYS B 50 16.15 2.95 5.51
N LEU B 51 16.94 3.57 4.64
CA LEU B 51 18.34 3.22 4.50
C LEU B 51 19.20 3.89 5.57
N VAL B 52 19.78 3.09 6.45
CA VAL B 52 20.62 3.63 7.52
C VAL B 52 22.06 3.82 7.04
N GLU B 53 22.57 2.84 6.32
CA GLU B 53 23.92 2.89 5.80
C GLU B 53 24.00 2.08 4.51
N GLY B 54 24.86 2.52 3.59
CA GLY B 54 25.02 1.81 2.34
C GLY B 54 24.50 2.56 1.12
N GLU B 55 24.69 1.95 -0.04
CA GLU B 55 24.25 2.52 -1.31
C GLU B 55 23.23 1.60 -1.96
N VAL B 56 22.27 2.20 -2.67
CA VAL B 56 21.24 1.43 -3.34
C VAL B 56 20.86 2.03 -4.67
N ASP B 57 20.11 1.26 -5.46
CA ASP B 57 19.59 1.71 -6.74
C ASP B 57 18.11 1.40 -6.63
N ASN B 58 17.32 2.42 -6.30
CA ASN B 58 15.87 2.26 -6.13
C ASN B 58 15.14 3.08 -7.20
N ASP B 59 15.82 3.33 -8.32
CA ASP B 59 15.23 4.12 -9.40
C ASP B 59 14.00 3.48 -10.03
N ASP B 60 13.81 2.19 -9.78
CA ASP B 60 12.65 1.50 -10.34
C ASP B 60 11.37 1.85 -9.58
N GLN B 61 11.50 2.51 -8.43
CA GLN B 61 10.34 2.90 -7.65
C GLN B 61 9.71 4.12 -8.29
N SER B 62 8.49 4.46 -7.89
CA SER B 62 7.80 5.62 -8.46
C SER B 62 6.89 6.34 -7.50
N TYR B 63 6.67 5.77 -6.32
CA TYR B 63 5.77 6.39 -5.35
C TYR B 63 6.41 7.48 -4.49
N LEU B 64 7.64 7.27 -4.05
CA LEU B 64 8.33 8.24 -3.22
C LEU B 64 8.76 9.47 -4.01
N ASP B 65 8.61 10.65 -3.40
CA ASP B 65 9.01 11.88 -4.07
C ASP B 65 10.44 12.24 -3.68
N GLU B 66 10.97 13.31 -4.26
CA GLU B 66 12.32 13.75 -4.00
C GLU B 66 12.63 13.92 -2.51
N GLU B 67 11.73 14.57 -1.78
CA GLU B 67 11.91 14.81 -0.35
C GLU B 67 12.00 13.51 0.46
N GLN B 68 11.08 12.59 0.19
CA GLN B 68 11.06 11.33 0.91
C GLN B 68 12.33 10.52 0.61
N ILE B 69 12.79 10.57 -0.63
CA ILE B 69 14.00 9.86 -1.02
C ILE B 69 15.19 10.52 -0.31
N LYS B 70 15.12 11.83 -0.17
CA LYS B 70 16.16 12.60 0.50
C LYS B 70 16.26 12.16 1.95
N LYS B 71 15.10 11.84 2.54
CA LYS B 71 15.05 11.41 3.94
C LYS B 71 15.42 9.95 4.10
N LYS B 72 15.97 9.37 3.03
CA LYS B 72 16.45 7.99 3.01
C LYS B 72 15.42 6.87 2.90
N TYR B 73 14.21 7.18 2.48
CA TYR B 73 13.21 6.13 2.34
C TYR B 73 13.41 5.37 1.04
N ILE B 74 13.14 4.07 1.08
CA ILE B 74 13.30 3.22 -0.09
C ILE B 74 12.17 2.19 -0.12
N LEU B 75 11.84 1.73 -1.31
CA LEU B 75 10.80 0.72 -1.48
C LEU B 75 11.54 -0.56 -1.85
N LEU B 76 11.61 -1.48 -0.90
CA LEU B 76 12.33 -2.74 -1.07
C LEU B 76 11.93 -3.66 -2.23
N CYS B 77 10.67 -3.59 -2.65
CA CYS B 77 10.21 -4.44 -3.74
C CYS B 77 10.87 -4.04 -5.07
N THR B 78 11.49 -2.87 -5.09
CA THR B 78 12.14 -2.38 -6.30
C THR B 78 13.51 -1.78 -5.99
N CYS B 79 14.13 -2.25 -4.92
CA CYS B 79 15.42 -1.72 -4.49
C CYS B 79 16.61 -2.67 -4.63
N TYR B 80 17.61 -2.23 -5.38
CA TYR B 80 18.84 -3.01 -5.59
C TYR B 80 19.91 -2.53 -4.62
N PRO B 81 20.66 -3.45 -4.02
CA PRO B 81 21.70 -3.01 -3.10
C PRO B 81 22.96 -2.76 -3.94
N LYS B 82 23.72 -1.72 -3.61
CA LYS B 82 24.93 -1.42 -4.37
C LYS B 82 26.15 -1.43 -3.45
N SER B 83 25.97 -2.04 -2.28
CA SER B 83 27.00 -2.19 -1.27
C SER B 83 26.30 -2.85 -0.09
N ASP B 84 27.06 -3.22 0.94
CA ASP B 84 26.45 -3.80 2.13
C ASP B 84 25.52 -2.70 2.63
N CYS B 85 24.36 -3.08 3.15
CA CYS B 85 23.40 -2.09 3.63
C CYS B 85 22.82 -2.42 4.99
N VAL B 86 22.43 -1.36 5.71
CA VAL B 86 21.78 -1.50 6.99
C VAL B 86 20.46 -0.79 6.73
N ILE B 87 19.37 -1.53 6.81
CA ILE B 87 18.05 -0.97 6.51
C ILE B 87 17.02 -1.24 7.61
N GLU B 88 16.22 -0.21 7.94
CA GLU B 88 15.17 -0.35 8.94
C GLU B 88 13.90 -0.64 8.15
N THR B 89 13.24 -1.76 8.46
CA THR B 89 12.03 -2.15 7.75
C THR B 89 10.76 -1.70 8.45
N HIS B 90 9.62 -1.97 7.81
CA HIS B 90 8.31 -1.60 8.35
C HIS B 90 8.24 -0.12 8.70
N LYS B 91 8.61 0.73 7.75
CA LYS B 91 8.61 2.17 7.96
C LYS B 91 7.49 2.94 7.26
N GLU B 92 6.47 2.22 6.80
CA GLU B 92 5.36 2.87 6.12
C GLU B 92 4.68 3.93 6.99
N ASP B 93 4.41 3.58 8.25
CA ASP B 93 3.77 4.53 9.15
C ASP B 93 4.63 5.75 9.39
N GLU B 94 5.93 5.54 9.60
CA GLU B 94 6.85 6.64 9.84
C GLU B 94 6.85 7.56 8.62
N LEU B 95 6.91 6.95 7.44
CA LEU B 95 6.90 7.68 6.18
C LEU B 95 5.62 8.50 6.04
N HIS B 96 4.50 7.89 6.39
CA HIS B 96 3.19 8.53 6.29
C HIS B 96 3.10 9.80 7.15
N ASP B 97 3.83 9.82 8.26
CA ASP B 97 3.81 10.97 9.15
C ASP B 97 4.91 11.98 8.86
N MET B 98 6.15 11.61 9.10
CA MET B 98 7.29 12.51 8.87
C MET B 98 7.01 13.89 9.47
#